data_7QVA
#
_entry.id   7QVA
#
_cell.length_a   76.650
_cell.length_b   78.858
_cell.length_c   147.348
_cell.angle_alpha   90.000
_cell.angle_beta   90.000
_cell.angle_gamma   90.000
#
_symmetry.space_group_name_H-M   'C 2 2 21'
#
loop_
_entity.id
_entity.type
_entity.pdbx_description
1 polymer 'GMC oxidoreductase family protein'
2 non-polymer 'FLAVIN-ADENINE DINUCLEOTIDE'
3 non-polymer Mangiferin
4 non-polymer 'SULFATE ION'
5 water water
#
_entity_poly.entity_id   1
_entity_poly.type   'polypeptide(L)'
_entity_poly.pdbx_seq_one_letter_code
;MSGHRYPAAVDVAIVGSGPTASAYARILSEEAPGATIAMFEVGPTVSNPPGAHVKNIEDPDSRSLAQRASEGPGAGAATV
NSPGAVKSGERRARPGTYLLQDGYAFPGEDGMPVAAMSSNVGGMAAHWTAACPRPGGKERIPFLPDLEELLNDADRLLGV
TTHAFDGAPFSDLVRERLAAVVDQGRTPAFRVQPMPLAVHRRQDGALVWSGSDVVMGEATRDNPQFELFDESLVTRVLVE
DGTAAGVEVQDRRSGDTYQVAARYVVVGADALRTPQLLWASGIRPDALGRYLNDQAQVVFASRLRDVQPEDAPAAANGAL
SEQSGVAWVPYTDEAPFHGQIMQLDASPVPLADDDPIVPGSIVGLGLFCAKDLQREDRVAFDDDTRDSYGLPAMRIHYRL
TERDHVVLDRARQEIVRLGKAVGEPLDERPFVLPPGASLHYQGTTRMGETDDGESVCSPDSQVWQVPGLFVAGNGVIPTA
TACNPTLTSVALAVRGARKIAEEITSSLLMSESDNRLSK
;
_entity_poly.pdbx_strand_id   A
#
# COMPACT_ATOMS: atom_id res chain seq x y z
N ARG A 5 3.84 23.78 18.68
CA ARG A 5 4.58 23.14 17.61
C ARG A 5 3.79 23.14 16.30
N TYR A 6 2.48 22.89 16.40
CA TYR A 6 1.64 22.78 15.22
C TYR A 6 0.83 24.06 15.02
N PRO A 7 0.49 24.39 13.78
CA PRO A 7 -0.38 25.54 13.53
C PRO A 7 -1.78 25.28 14.06
N ALA A 8 -2.43 26.35 14.52
CA ALA A 8 -3.76 26.22 15.10
C ALA A 8 -4.78 25.73 14.09
N ALA A 9 -4.65 26.13 12.83
CA ALA A 9 -5.62 25.78 11.81
C ALA A 9 -4.95 25.75 10.44
N VAL A 10 -5.33 24.76 9.64
CA VAL A 10 -4.90 24.64 8.25
C VAL A 10 -6.13 24.39 7.39
N ASP A 11 -5.90 24.30 6.07
CA ASP A 11 -6.98 23.94 5.16
C ASP A 11 -7.16 22.43 5.11
N VAL A 12 -6.07 21.69 4.89
CA VAL A 12 -6.09 20.24 4.81
C VAL A 12 -5.11 19.69 5.84
N ALA A 13 -5.55 18.71 6.61
CA ALA A 13 -4.72 18.00 7.57
C ALA A 13 -4.55 16.57 7.06
N ILE A 14 -3.30 16.19 6.78
CA ILE A 14 -2.98 14.89 6.23
C ILE A 14 -2.40 14.01 7.32
N VAL A 15 -3.03 12.86 7.56
CA VAL A 15 -2.56 11.87 8.52
C VAL A 15 -1.74 10.83 7.76
N GLY A 16 -0.54 10.57 8.23
CA GLY A 16 0.35 9.63 7.56
C GLY A 16 1.18 10.30 6.48
N SER A 17 2.30 9.63 6.13
CA SER A 17 3.24 10.20 5.17
C SER A 17 3.67 9.16 4.13
N GLY A 18 2.83 8.16 3.89
CA GLY A 18 3.11 7.16 2.89
C GLY A 18 2.91 7.70 1.50
N PRO A 19 2.97 6.82 0.49
CA PRO A 19 2.80 7.30 -0.89
C PRO A 19 1.40 7.80 -1.20
N THR A 20 0.37 7.24 -0.56
CA THR A 20 -1.00 7.69 -0.84
C THR A 20 -1.28 9.05 -0.21
N ALA A 21 -0.92 9.23 1.06
CA ALA A 21 -1.08 10.53 1.69
C ALA A 21 -0.19 11.58 1.02
N SER A 22 1.01 11.18 0.60
CA SER A 22 1.88 12.09 -0.13
C SER A 22 1.29 12.47 -1.48
N ALA A 23 0.51 11.57 -2.09
CA ALA A 23 -0.15 11.91 -3.34
C ALA A 23 -1.19 13.01 -3.13
N TYR A 24 -1.87 12.99 -1.99
CA TYR A 24 -2.77 14.09 -1.64
C TYR A 24 -2.01 15.39 -1.50
N ALA A 25 -0.87 15.36 -0.80
CA ALA A 25 -0.04 16.55 -0.70
C ALA A 25 0.52 16.95 -2.06
N ARG A 26 0.77 15.98 -2.93
CA ARG A 26 1.33 16.28 -4.26
C ARG A 26 0.33 17.05 -5.12
N ILE A 27 -0.86 16.48 -5.31
CA ILE A 27 -1.86 17.11 -6.17
C ILE A 27 -2.32 18.44 -5.57
N LEU A 28 -2.51 18.49 -4.25
CA LEU A 28 -2.88 19.75 -3.61
C LEU A 28 -1.78 20.80 -3.82
N SER A 29 -0.51 20.39 -3.71
CA SER A 29 0.58 21.33 -3.97
C SER A 29 0.68 21.72 -5.44
N GLU A 30 0.14 20.90 -6.34
CA GLU A 30 0.14 21.23 -7.76
C GLU A 30 -1.10 22.00 -8.17
N GLU A 31 -2.28 21.51 -7.79
CA GLU A 31 -3.55 22.07 -8.26
C GLU A 31 -4.17 23.09 -7.31
N ALA A 32 -3.74 23.14 -6.05
CA ALA A 32 -4.28 24.06 -5.06
C ALA A 32 -3.13 24.72 -4.30
N PRO A 33 -2.34 25.56 -4.98
CA PRO A 33 -1.12 26.08 -4.34
C PRO A 33 -1.38 27.00 -3.17
N GLY A 34 -2.59 27.56 -3.03
CA GLY A 34 -2.87 28.44 -1.91
C GLY A 34 -3.33 27.74 -0.65
N ALA A 35 -3.61 26.45 -0.72
CA ALA A 35 -4.13 25.71 0.42
C ALA A 35 -3.01 25.36 1.39
N THR A 36 -3.21 25.66 2.66
CA THR A 36 -2.26 25.30 3.69
C THR A 36 -2.44 23.83 4.08
N ILE A 37 -1.34 23.09 4.09
CA ILE A 37 -1.36 21.65 4.32
C ILE A 37 -0.49 21.33 5.53
N ALA A 38 -0.98 20.44 6.38
CA ALA A 38 -0.22 19.94 7.53
C ALA A 38 -0.22 18.42 7.49
N MET A 39 0.96 17.84 7.27
CA MET A 39 1.12 16.39 7.26
C MET A 39 1.74 15.94 8.57
N PHE A 40 1.06 15.04 9.27
CA PHE A 40 1.50 14.55 10.57
C PHE A 40 1.90 13.08 10.43
N GLU A 41 3.14 12.77 10.80
CA GLU A 41 3.68 11.41 10.72
C GLU A 41 4.10 10.97 12.11
N VAL A 42 3.56 9.85 12.57
CA VAL A 42 3.91 9.34 13.89
C VAL A 42 5.35 8.88 13.95
N GLY A 43 5.88 8.35 12.85
CA GLY A 43 7.25 7.90 12.81
C GLY A 43 8.22 9.04 12.58
N PRO A 44 9.50 8.76 12.80
CA PRO A 44 10.53 9.78 12.61
C PRO A 44 10.98 9.87 11.15
N THR A 45 11.76 10.91 10.87
CA THR A 45 12.38 11.05 9.56
C THR A 45 13.65 10.22 9.52
N VAL A 46 13.70 9.23 8.64
CA VAL A 46 14.79 8.27 8.59
C VAL A 46 15.58 8.38 7.30
N SER A 47 15.28 9.35 6.45
CA SER A 47 15.94 9.47 5.15
C SER A 47 15.91 10.93 4.71
N ASN A 48 16.76 11.23 3.73
CA ASN A 48 16.91 12.59 3.18
C ASN A 48 16.82 12.48 1.67
N PRO A 49 15.84 13.13 1.02
CA PRO A 49 14.76 13.94 1.60
C PRO A 49 13.73 13.12 2.38
N PRO A 50 12.94 13.77 3.26
CA PRO A 50 12.01 13.00 4.10
C PRO A 50 11.09 12.09 3.31
N GLY A 51 11.16 10.79 3.58
CA GLY A 51 10.37 9.81 2.87
C GLY A 51 11.12 9.04 1.79
N ALA A 52 12.40 9.33 1.60
CA ALA A 52 13.20 8.62 0.61
C ALA A 52 13.36 7.16 1.00
N HIS A 53 13.66 6.34 -0.01
CA HIS A 53 13.87 4.92 0.24
C HIS A 53 15.19 4.71 0.97
N VAL A 54 15.19 3.77 1.92
CA VAL A 54 16.37 3.55 2.74
C VAL A 54 17.57 3.09 1.91
N LYS A 55 17.32 2.48 0.74
CA LYS A 55 18.44 2.07 -0.11
C LYS A 55 19.23 3.25 -0.66
N ASN A 56 18.70 4.46 -0.59
CA ASN A 56 19.49 5.64 -0.93
C ASN A 56 20.62 5.88 0.07
N ILE A 57 20.55 5.27 1.24
CA ILE A 57 21.64 5.33 2.22
C ILE A 57 22.63 4.23 1.88
N GLU A 58 23.80 4.62 1.38
CA GLU A 58 24.76 3.62 0.92
C GLU A 58 25.40 2.88 2.09
N ASP A 59 25.49 3.52 3.25
CA ASP A 59 26.07 2.88 4.42
C ASP A 59 25.10 1.85 4.98
N PRO A 60 25.47 0.56 5.04
CA PRO A 60 24.56 -0.44 5.61
C PRO A 60 24.27 -0.22 7.08
N ASP A 61 25.24 0.28 7.85
CA ASP A 61 24.98 0.59 9.26
C ASP A 61 23.97 1.73 9.38
N SER A 62 24.19 2.81 8.63
CA SER A 62 23.23 3.91 8.63
C SER A 62 21.87 3.45 8.08
N ARG A 63 21.89 2.58 7.06
CA ARG A 63 20.65 2.07 6.50
C ARG A 63 19.93 1.17 7.49
N SER A 64 20.66 0.35 8.23
CA SER A 64 20.05 -0.45 9.28
C SER A 64 19.49 0.44 10.39
N LEU A 65 20.19 1.54 10.68
CA LEU A 65 19.66 2.50 11.65
C LEU A 65 18.33 3.09 11.18
N ALA A 66 18.22 3.39 9.89
CA ALA A 66 16.98 3.93 9.36
C ALA A 66 15.87 2.88 9.35
N GLN A 67 16.22 1.62 9.09
CA GLN A 67 15.23 0.55 9.07
C GLN A 67 14.74 0.25 10.49
N ARG A 68 15.67 0.06 11.43
CA ARG A 68 15.28 -0.29 12.78
C ARG A 68 14.52 0.85 13.46
N ALA A 69 14.80 2.10 13.09
CA ALA A 69 14.06 3.23 13.62
C ALA A 69 12.64 3.31 13.09
N SER A 70 12.31 2.55 12.04
CA SER A 70 10.97 2.54 11.47
C SER A 70 10.11 1.41 12.02
N GLU A 71 10.69 0.50 12.79
CA GLU A 71 9.97 -0.68 13.32
C GLU A 71 9.13 -0.37 14.55
N GLY A 72 8.58 0.83 14.64
CA GLY A 72 7.72 1.20 15.75
C GLY A 72 8.49 1.43 17.03
N PRO A 73 7.77 1.54 18.16
CA PRO A 73 8.37 1.75 19.48
C PRO A 73 8.97 0.47 20.06
N ARG A 91 8.30 -16.08 13.88
CA ARG A 91 7.43 -14.94 13.57
C ARG A 91 8.18 -13.63 13.76
N ARG A 92 8.91 -13.21 12.73
CA ARG A 92 9.67 -11.98 12.74
C ARG A 92 9.25 -11.10 11.57
N ALA A 93 9.41 -9.79 11.74
CA ALA A 93 9.11 -8.83 10.70
C ALA A 93 10.39 -8.45 9.96
N ARG A 94 10.24 -8.16 8.67
CA ARG A 94 11.36 -7.76 7.86
C ARG A 94 11.83 -6.37 8.27
N PRO A 95 13.07 -6.00 7.93
CA PRO A 95 13.59 -4.68 8.32
C PRO A 95 12.69 -3.55 7.84
N GLY A 96 12.46 -2.58 8.72
CA GLY A 96 11.61 -1.46 8.41
C GLY A 96 10.15 -1.65 8.72
N THR A 97 9.74 -2.84 9.16
CA THR A 97 8.36 -3.11 9.52
C THR A 97 8.32 -3.73 10.92
N TYR A 98 7.13 -3.71 11.52
CA TYR A 98 6.90 -4.35 12.81
C TYR A 98 5.56 -5.02 12.80
N LEU A 99 5.47 -6.14 13.52
CA LEU A 99 4.26 -6.93 13.61
C LEU A 99 3.40 -6.48 14.78
N LEU A 100 2.20 -7.06 14.85
CA LEU A 100 1.36 -6.93 16.02
C LEU A 100 1.83 -7.87 17.11
N GLN A 101 1.49 -7.52 18.36
CA GLN A 101 1.83 -8.37 19.50
C GLN A 101 0.69 -9.30 19.90
N ASP A 102 -0.55 -8.93 19.60
CA ASP A 102 -1.70 -9.75 19.94
C ASP A 102 -2.84 -9.36 19.01
N GLY A 103 -3.89 -10.19 19.00
CA GLY A 103 -5.05 -9.91 18.18
C GLY A 103 -4.84 -10.11 16.70
N TYR A 104 -3.90 -10.99 16.33
CA TYR A 104 -3.67 -11.30 14.92
C TYR A 104 -4.24 -12.64 14.51
N ALA A 105 -4.78 -13.42 15.44
CA ALA A 105 -5.37 -14.72 15.13
C ALA A 105 -6.40 -15.06 16.19
N PHE A 106 -7.35 -15.90 15.81
CA PHE A 106 -8.41 -16.34 16.70
C PHE A 106 -8.76 -17.79 16.39
N PRO A 107 -9.25 -18.54 17.39
CA PRO A 107 -9.63 -19.93 17.14
C PRO A 107 -10.77 -20.01 16.11
N GLY A 108 -10.59 -20.90 15.14
CA GLY A 108 -11.54 -21.05 14.06
C GLY A 108 -11.22 -20.24 12.82
N GLU A 109 -10.29 -19.30 12.90
CA GLU A 109 -9.89 -18.46 11.78
C GLU A 109 -8.38 -18.49 11.64
N ASP A 110 -7.92 -18.04 10.48
CA ASP A 110 -6.48 -18.01 10.22
C ASP A 110 -5.82 -16.75 10.75
N GLY A 111 -6.46 -15.59 10.57
CA GLY A 111 -5.85 -14.34 10.96
C GLY A 111 -4.64 -14.03 10.09
N MET A 112 -3.95 -12.95 10.49
CA MET A 112 -2.72 -12.50 9.83
C MET A 112 -1.61 -12.46 10.86
N PRO A 113 -0.91 -13.58 11.10
CA PRO A 113 0.16 -13.58 12.11
C PRO A 113 1.34 -12.69 11.76
N VAL A 114 1.50 -12.30 10.49
CA VAL A 114 2.65 -11.50 10.09
C VAL A 114 2.17 -10.18 9.48
N ALA A 115 1.01 -9.71 9.91
CA ALA A 115 0.54 -8.39 9.51
C ALA A 115 1.50 -7.34 10.03
N ALA A 116 2.25 -6.70 9.12
CA ALA A 116 3.30 -5.77 9.50
C ALA A 116 2.88 -4.33 9.23
N MET A 117 3.60 -3.41 9.87
CA MET A 117 3.34 -1.98 9.76
C MET A 117 4.66 -1.22 9.78
N SER A 118 4.63 -0.02 9.23
CA SER A 118 5.81 0.85 9.20
C SER A 118 5.45 2.20 9.80
N SER A 119 6.28 2.68 10.71
CA SER A 119 6.09 3.97 11.40
C SER A 119 7.32 4.83 11.16
N ASN A 120 7.28 5.62 10.09
CA ASN A 120 8.39 6.47 9.67
C ASN A 120 7.88 7.39 8.58
N VAL A 121 8.62 8.47 8.33
CA VAL A 121 8.29 9.35 7.20
C VAL A 121 8.51 8.58 5.91
N GLY A 122 7.48 8.49 5.08
CA GLY A 122 7.50 7.71 3.87
C GLY A 122 6.73 6.40 3.97
N GLY A 123 6.43 5.95 5.18
CA GLY A 123 5.67 4.72 5.36
C GLY A 123 6.42 3.52 4.82
N MET A 124 5.65 2.55 4.32
CA MET A 124 6.27 1.37 3.71
C MET A 124 6.95 1.68 2.39
N ALA A 125 6.68 2.84 1.80
CA ALA A 125 7.38 3.24 0.58
C ALA A 125 8.87 3.53 0.82
N ALA A 126 9.29 3.65 2.08
CA ALA A 126 10.71 3.75 2.40
C ALA A 126 11.40 2.40 2.41
N HIS A 127 10.64 1.30 2.35
CA HIS A 127 11.20 -0.04 2.41
C HIS A 127 10.70 -0.95 1.30
N TRP A 128 9.80 -0.49 0.45
CA TRP A 128 9.16 -1.36 -0.53
C TRP A 128 10.10 -1.64 -1.70
N THR A 129 9.61 -2.41 -2.67
CA THR A 129 10.37 -2.76 -3.85
C THR A 129 9.85 -2.12 -5.12
N ALA A 130 8.84 -1.25 -5.02
CA ALA A 130 8.44 -0.35 -6.10
C ALA A 130 7.94 -1.10 -7.35
N ALA A 131 7.18 -2.17 -7.13
CA ALA A 131 6.52 -2.87 -8.22
C ALA A 131 5.12 -2.27 -8.39
N CYS A 132 4.87 -1.66 -9.54
CA CYS A 132 3.63 -0.93 -9.81
C CYS A 132 2.95 -1.50 -11.06
N PRO A 133 2.38 -2.69 -10.96
CA PRO A 133 1.67 -3.27 -12.12
C PRO A 133 0.31 -2.60 -12.31
N ARG A 134 -0.30 -2.92 -13.44
CA ARG A 134 -1.63 -2.39 -13.70
C ARG A 134 -2.69 -3.45 -13.40
N PRO A 135 -3.80 -3.07 -12.79
CA PRO A 135 -4.89 -4.03 -12.59
C PRO A 135 -5.59 -4.35 -13.90
N GLY A 136 -6.13 -5.57 -13.96
CA GLY A 136 -6.85 -5.99 -15.14
C GLY A 136 -8.03 -6.87 -14.76
N GLY A 137 -8.97 -7.00 -15.69
CA GLY A 137 -10.14 -7.83 -15.45
C GLY A 137 -10.98 -7.28 -14.32
N LYS A 138 -11.40 -8.18 -13.42
CA LYS A 138 -12.21 -7.79 -12.27
C LYS A 138 -11.42 -7.04 -11.21
N GLU A 139 -10.09 -6.96 -11.33
CA GLU A 139 -9.32 -6.14 -10.41
C GLU A 139 -9.67 -4.67 -10.59
N ARG A 140 -9.88 -4.24 -11.83
CA ARG A 140 -10.13 -2.84 -12.10
C ARG A 140 -11.47 -2.41 -11.51
N ILE A 141 -11.46 -1.29 -10.81
CA ILE A 141 -12.69 -0.74 -10.21
C ILE A 141 -13.62 -0.30 -11.33
N PRO A 142 -14.78 -0.92 -11.48
CA PRO A 142 -15.61 -0.65 -12.67
C PRO A 142 -16.23 0.73 -12.69
N PHE A 143 -16.62 1.28 -11.54
CA PHE A 143 -17.33 2.55 -11.46
C PHE A 143 -16.40 3.76 -11.48
N LEU A 144 -15.20 3.61 -12.01
CA LEU A 144 -14.26 4.74 -12.17
C LEU A 144 -13.90 4.89 -13.64
N PRO A 145 -14.61 5.73 -14.38
CA PRO A 145 -14.34 5.82 -15.83
C PRO A 145 -12.96 6.36 -16.16
N ASP A 146 -12.38 7.19 -15.30
CA ASP A 146 -11.05 7.74 -15.51
C ASP A 146 -9.97 6.93 -14.83
N LEU A 147 -10.15 5.60 -14.75
CA LEU A 147 -9.19 4.76 -14.03
C LEU A 147 -7.83 4.76 -14.71
N GLU A 148 -7.80 4.52 -16.03
CA GLU A 148 -6.53 4.54 -16.75
C GLU A 148 -5.87 5.90 -16.65
N GLU A 149 -6.67 6.97 -16.65
CA GLU A 149 -6.13 8.32 -16.49
C GLU A 149 -5.42 8.47 -15.16
N LEU A 150 -6.07 8.02 -14.08
CA LEU A 150 -5.47 8.09 -12.75
C LEU A 150 -4.29 7.14 -12.60
N LEU A 151 -4.31 6.02 -13.32
CA LEU A 151 -3.19 5.07 -13.24
C LEU A 151 -1.95 5.64 -13.92
N ASN A 152 -2.13 6.36 -15.03
CA ASN A 152 -0.99 7.04 -15.65
C ASN A 152 -0.48 8.18 -14.79
N ASP A 153 -1.38 8.87 -14.09
CA ASP A 153 -0.94 9.94 -13.18
C ASP A 153 -0.14 9.37 -12.02
N ALA A 154 -0.59 8.22 -11.49
CA ALA A 154 0.18 7.55 -10.44
C ALA A 154 1.54 7.10 -10.95
N ASP A 155 1.64 6.76 -12.24
CA ASP A 155 2.94 6.51 -12.85
C ASP A 155 3.81 7.74 -12.80
N ARG A 156 3.21 8.93 -12.96
CA ARG A 156 3.99 10.16 -12.96
C ARG A 156 4.51 10.50 -11.57
N LEU A 157 3.70 10.26 -10.54
CA LEU A 157 4.09 10.65 -9.19
C LEU A 157 5.12 9.70 -8.61
N LEU A 158 4.99 8.39 -8.90
CA LEU A 158 5.93 7.40 -8.41
C LEU A 158 7.17 7.28 -9.30
N GLY A 159 7.18 7.92 -10.46
CA GLY A 159 8.29 7.78 -11.39
C GLY A 159 8.39 6.40 -11.97
N VAL A 160 7.26 5.79 -12.33
CA VAL A 160 7.25 4.41 -12.79
C VAL A 160 7.83 4.32 -14.19
N THR A 161 8.71 3.33 -14.39
CA THR A 161 9.30 3.06 -15.70
C THR A 161 9.37 1.56 -15.92
N THR A 162 9.15 1.14 -17.16
CA THR A 162 9.24 -0.26 -17.53
C THR A 162 10.58 -0.63 -18.15
N HIS A 163 11.46 0.34 -18.40
CA HIS A 163 12.74 0.07 -19.05
C HIS A 163 13.91 0.38 -18.13
N ALA A 164 13.84 -0.10 -16.89
CA ALA A 164 14.90 0.09 -15.92
C ALA A 164 15.98 -0.99 -16.01
N PHE A 165 15.78 -2.02 -16.82
CA PHE A 165 16.72 -3.12 -16.93
C PHE A 165 16.86 -3.58 -18.38
N ASP A 166 16.98 -2.62 -19.30
CA ASP A 166 17.18 -2.98 -20.70
C ASP A 166 18.57 -3.57 -20.93
N GLY A 167 19.55 -3.14 -20.16
CA GLY A 167 20.90 -3.65 -20.24
C GLY A 167 21.21 -4.83 -19.36
N ALA A 168 20.18 -5.43 -18.72
CA ALA A 168 20.39 -6.61 -17.90
C ALA A 168 20.52 -7.84 -18.78
N PRO A 169 21.45 -8.75 -18.46
CA PRO A 169 21.74 -9.89 -19.34
C PRO A 169 20.67 -10.97 -19.30
N PHE A 170 20.08 -11.18 -18.13
CA PHE A 170 19.15 -12.28 -17.92
C PHE A 170 17.69 -11.84 -17.84
N SER A 171 17.42 -10.53 -17.88
CA SER A 171 16.04 -10.07 -17.83
C SER A 171 15.27 -10.51 -19.07
N ASP A 172 15.84 -10.27 -20.25
CA ASP A 172 15.16 -10.64 -21.49
C ASP A 172 15.05 -12.16 -21.63
N LEU A 173 16.05 -12.90 -21.15
CA LEU A 173 16.01 -14.36 -21.27
C LEU A 173 14.91 -14.95 -20.41
N VAL A 174 14.82 -14.52 -19.15
CA VAL A 174 13.76 -15.01 -18.26
C VAL A 174 12.40 -14.63 -18.81
N ARG A 175 12.29 -13.42 -19.39
CA ARG A 175 11.00 -12.95 -19.87
C ARG A 175 10.52 -13.76 -21.06
N GLU A 176 11.40 -14.06 -22.01
CA GLU A 176 11.00 -14.83 -23.19
C GLU A 176 10.75 -16.29 -22.87
N ARG A 177 11.44 -16.85 -21.87
CA ARG A 177 11.18 -18.24 -21.50
C ARG A 177 9.87 -18.37 -20.73
N LEU A 178 9.49 -17.34 -19.97
CA LEU A 178 8.17 -17.33 -19.35
C LEU A 178 7.08 -17.13 -20.40
N ALA A 179 7.34 -16.28 -21.40
CA ALA A 179 6.33 -15.98 -22.41
C ALA A 179 5.97 -17.22 -23.22
N ALA A 180 6.90 -18.15 -23.38
CA ALA A 180 6.66 -19.38 -24.13
C ALA A 180 5.57 -20.25 -23.52
N VAL A 181 5.20 -20.03 -22.26
CA VAL A 181 4.18 -20.83 -21.59
C VAL A 181 3.01 -20.01 -21.09
N VAL A 182 3.12 -18.68 -21.06
CA VAL A 182 2.05 -17.82 -20.57
C VAL A 182 1.33 -17.10 -21.70
N ASP A 183 2.08 -16.60 -22.69
CA ASP A 183 1.50 -15.73 -23.71
C ASP A 183 0.56 -16.47 -24.67
N GLN A 184 0.41 -17.78 -24.52
CA GLN A 184 -0.50 -18.53 -25.38
C GLN A 184 -1.93 -18.06 -25.15
N GLY A 185 -2.60 -17.65 -26.23
CA GLY A 185 -3.98 -17.21 -26.17
C GLY A 185 -4.24 -15.93 -25.39
N ARG A 186 -3.20 -15.25 -24.91
CA ARG A 186 -3.37 -14.05 -24.12
C ARG A 186 -3.17 -12.81 -24.95
N THR A 187 -3.99 -11.79 -24.69
CA THR A 187 -3.83 -10.49 -25.33
C THR A 187 -2.60 -9.79 -24.77
N PRO A 188 -2.01 -8.86 -25.53
CA PRO A 188 -0.73 -8.25 -25.12
C PRO A 188 -0.72 -7.69 -23.70
N ALA A 189 -1.83 -7.12 -23.23
CA ALA A 189 -1.87 -6.53 -21.90
C ALA A 189 -1.71 -7.54 -20.78
N PHE A 190 -1.84 -8.83 -21.07
CA PHE A 190 -1.76 -9.87 -20.05
C PHE A 190 -0.66 -10.88 -20.34
N ARG A 191 0.29 -10.52 -21.21
CA ARG A 191 1.43 -11.35 -21.51
C ARG A 191 2.61 -10.98 -20.60
N VAL A 192 3.61 -11.86 -20.56
CA VAL A 192 4.80 -11.59 -19.76
C VAL A 192 5.50 -10.36 -20.30
N GLN A 193 5.74 -9.39 -19.42
CA GLN A 193 6.30 -8.11 -19.78
C GLN A 193 7.13 -7.60 -18.61
N PRO A 194 8.02 -6.64 -18.85
CA PRO A 194 8.79 -6.08 -17.73
C PRO A 194 7.88 -5.45 -16.70
N MET A 195 8.13 -5.78 -15.44
CA MET A 195 7.37 -5.20 -14.35
C MET A 195 7.57 -3.70 -14.32
N PRO A 196 6.51 -2.89 -14.38
CA PRO A 196 6.67 -1.45 -14.19
C PRO A 196 7.22 -1.16 -12.81
N LEU A 197 8.35 -0.46 -12.77
CA LEU A 197 9.08 -0.20 -11.54
C LEU A 197 9.18 1.29 -11.28
N ALA A 198 9.05 1.68 -10.01
CA ALA A 198 9.21 3.06 -9.59
C ALA A 198 10.67 3.26 -9.17
N VAL A 199 11.50 3.62 -10.15
CA VAL A 199 12.92 3.80 -9.95
C VAL A 199 13.25 5.28 -10.13
N HIS A 200 14.05 5.82 -9.22
CA HIS A 200 14.39 7.25 -9.23
C HIS A 200 15.88 7.47 -9.40
N LEU A 207 18.28 1.93 -10.33
CA LEU A 207 19.34 2.25 -9.38
C LEU A 207 18.77 2.47 -7.98
N VAL A 208 18.00 3.55 -7.84
CA VAL A 208 17.39 3.94 -6.56
C VAL A 208 15.89 3.72 -6.65
N TRP A 209 15.34 3.03 -5.66
CA TRP A 209 13.91 2.83 -5.59
C TRP A 209 13.20 4.10 -5.12
N SER A 210 12.07 4.41 -5.75
CA SER A 210 11.34 5.63 -5.44
C SER A 210 10.53 5.44 -4.16
N GLY A 211 10.70 6.37 -3.23
CA GLY A 211 9.91 6.42 -2.01
C GLY A 211 8.86 7.50 -2.06
N SER A 212 8.39 7.91 -0.88
CA SER A 212 7.43 9.00 -0.80
C SER A 212 8.05 10.34 -1.18
N ASP A 213 9.38 10.45 -1.09
CA ASP A 213 10.05 11.67 -1.55
C ASP A 213 9.78 11.94 -3.01
N VAL A 214 9.57 10.89 -3.80
CA VAL A 214 9.26 11.05 -5.22
C VAL A 214 7.82 11.49 -5.41
N VAL A 215 6.90 10.92 -4.62
CA VAL A 215 5.49 11.29 -4.74
C VAL A 215 5.28 12.74 -4.35
N MET A 216 5.84 13.16 -3.21
CA MET A 216 5.77 14.56 -2.83
C MET A 216 6.54 15.42 -3.83
N GLY A 217 7.81 15.10 -4.06
CA GLY A 217 8.59 15.78 -5.07
C GLY A 217 8.87 17.25 -4.73
N GLU A 218 9.40 17.95 -5.74
CA GLU A 218 9.73 19.36 -5.58
C GLU A 218 8.49 20.21 -5.39
N ALA A 219 7.36 19.80 -5.95
CA ALA A 219 6.13 20.59 -5.81
C ALA A 219 5.68 20.65 -4.36
N THR A 220 5.87 19.57 -3.61
CA THR A 220 5.45 19.55 -2.21
C THR A 220 6.49 20.16 -1.30
N ARG A 221 7.78 19.82 -1.51
CA ARG A 221 8.83 20.35 -0.65
C ARG A 221 9.01 21.85 -0.83
N ASP A 222 8.81 22.36 -2.04
CA ASP A 222 8.94 23.79 -2.30
C ASP A 222 7.62 24.54 -2.15
N ASN A 223 6.57 23.88 -1.69
CA ASN A 223 5.28 24.51 -1.42
C ASN A 223 5.34 25.23 -0.08
N PRO A 224 5.32 26.57 -0.07
CA PRO A 224 5.46 27.29 1.21
C PRO A 224 4.26 27.13 2.13
N GLN A 225 3.15 26.57 1.66
CA GLN A 225 1.99 26.33 2.51
C GLN A 225 1.91 24.91 3.04
N PHE A 226 2.89 24.06 2.71
CA PHE A 226 2.94 22.69 3.21
C PHE A 226 4.03 22.55 4.24
N GLU A 227 3.78 21.73 5.26
CA GLU A 227 4.77 21.44 6.28
C GLU A 227 4.57 20.01 6.77
N LEU A 228 5.67 19.28 6.91
CA LEU A 228 5.65 17.90 7.36
C LEU A 228 6.08 17.84 8.82
N PHE A 229 5.22 17.30 9.68
CA PHE A 229 5.51 17.13 11.10
C PHE A 229 5.73 15.65 11.36
N ASP A 230 6.98 15.27 11.58
CA ASP A 230 7.29 13.90 11.95
C ASP A 230 7.15 13.72 13.46
N GLU A 231 7.13 12.47 13.89
CA GLU A 231 6.94 12.12 15.30
C GLU A 231 5.71 12.83 15.86
N SER A 232 4.64 12.83 15.07
CA SER A 232 3.38 13.48 15.41
C SER A 232 2.27 12.44 15.28
N LEU A 233 1.78 11.95 16.41
CA LEU A 233 0.74 10.93 16.41
C LEU A 233 -0.63 11.61 16.35
N VAL A 234 -1.42 11.25 15.34
CA VAL A 234 -2.80 11.72 15.26
C VAL A 234 -3.69 10.72 16.01
N THR A 235 -4.33 11.19 17.07
CA THR A 235 -5.10 10.32 17.95
C THR A 235 -6.60 10.38 17.71
N ARG A 236 -7.09 11.44 17.07
CA ARG A 236 -8.53 11.56 16.84
C ARG A 236 -8.78 12.52 15.69
N VAL A 237 -9.82 12.23 14.92
CA VAL A 237 -10.26 13.07 13.83
C VAL A 237 -11.41 13.94 14.33
N LEU A 238 -11.24 15.26 14.26
CA LEU A 238 -12.24 16.17 14.77
C LEU A 238 -13.38 16.36 13.76
N VAL A 239 -14.61 16.34 14.27
CA VAL A 239 -15.80 16.53 13.45
C VAL A 239 -16.67 17.59 14.11
N GLU A 240 -17.02 18.63 13.35
CA GLU A 240 -17.89 19.70 13.81
C GLU A 240 -19.09 19.80 12.89
N ASP A 241 -20.28 19.57 13.44
CA ASP A 241 -21.54 19.69 12.70
C ASP A 241 -21.60 18.75 11.51
N GLY A 242 -21.10 17.52 11.71
CA GLY A 242 -21.14 16.48 10.70
C GLY A 242 -19.94 16.44 9.78
N THR A 243 -19.32 17.57 9.49
CA THR A 243 -18.20 17.64 8.57
C THR A 243 -16.87 17.58 9.32
N ALA A 244 -15.80 17.35 8.56
CA ALA A 244 -14.48 17.26 9.14
C ALA A 244 -14.09 18.60 9.75
N ALA A 245 -13.57 18.55 10.97
CA ALA A 245 -13.16 19.75 11.71
C ALA A 245 -11.66 19.85 11.92
N GLY A 246 -10.95 18.73 12.02
CA GLY A 246 -9.51 18.79 12.23
C GLY A 246 -8.96 17.45 12.68
N VAL A 247 -7.82 17.52 13.38
CA VAL A 247 -7.17 16.34 13.93
C VAL A 247 -6.63 16.67 15.30
N GLU A 248 -6.60 15.66 16.17
CA GLU A 248 -6.02 15.75 17.50
C GLU A 248 -4.63 15.12 17.43
N VAL A 249 -3.59 15.95 17.46
CA VAL A 249 -2.23 15.50 17.22
C VAL A 249 -1.45 15.56 18.52
N GLN A 250 -0.87 14.44 18.92
CA GLN A 250 -0.02 14.39 20.11
C GLN A 250 1.44 14.56 19.67
N ASP A 251 2.09 15.59 20.21
CA ASP A 251 3.51 15.80 19.97
C ASP A 251 4.29 14.72 20.69
N ARG A 252 4.82 13.74 19.93
CA ARG A 252 5.54 12.64 20.55
C ARG A 252 6.88 13.08 21.13
N ARG A 253 7.40 14.23 20.70
CA ARG A 253 8.64 14.74 21.29
C ARG A 253 8.43 15.20 22.73
N SER A 254 7.26 15.77 23.03
CA SER A 254 6.98 16.32 24.34
C SER A 254 5.84 15.65 25.08
N GLY A 255 4.95 14.94 24.39
CA GLY A 255 3.79 14.34 25.03
C GLY A 255 2.56 15.21 25.07
N ASP A 256 2.65 16.46 24.62
CA ASP A 256 1.51 17.36 24.63
C ASP A 256 0.58 17.09 23.46
N THR A 257 -0.72 17.12 23.72
CA THR A 257 -1.73 16.86 22.72
C THR A 257 -2.28 18.18 22.20
N TYR A 258 -2.13 18.41 20.90
CA TYR A 258 -2.64 19.61 20.26
C TYR A 258 -3.93 19.29 19.50
N GLN A 259 -4.59 20.34 19.04
CA GLN A 259 -5.77 20.22 18.18
C GLN A 259 -5.60 21.19 17.02
N VAL A 260 -5.37 20.64 15.83
CA VAL A 260 -5.24 21.42 14.60
C VAL A 260 -6.57 21.39 13.87
N ALA A 261 -7.09 22.58 13.55
CA ALA A 261 -8.33 22.68 12.78
C ALA A 261 -8.05 22.52 11.30
N ALA A 262 -9.04 21.99 10.58
CA ALA A 262 -8.88 21.75 9.16
C ALA A 262 -10.25 21.64 8.51
N ARG A 263 -10.37 22.17 7.29
CA ARG A 263 -11.60 22.02 6.54
C ARG A 263 -11.72 20.61 5.95
N TYR A 264 -10.59 20.01 5.56
CA TYR A 264 -10.54 18.65 5.06
C TYR A 264 -9.51 17.86 5.84
N VAL A 265 -9.84 16.60 6.12
CA VAL A 265 -8.94 15.68 6.81
C VAL A 265 -8.72 14.48 5.91
N VAL A 266 -7.46 14.20 5.59
CA VAL A 266 -7.08 13.01 4.82
C VAL A 266 -6.36 12.08 5.77
N VAL A 267 -6.84 10.84 5.86
CA VAL A 267 -6.24 9.82 6.71
C VAL A 267 -5.64 8.77 5.80
N GLY A 268 -4.32 8.85 5.58
CA GLY A 268 -3.58 7.87 4.83
C GLY A 268 -2.54 7.18 5.70
N ALA A 269 -2.99 6.58 6.79
CA ALA A 269 -2.08 5.96 7.75
C ALA A 269 -1.54 4.65 7.19
N ASP A 270 -2.41 3.65 7.11
CA ASP A 270 -2.13 2.33 6.54
C ASP A 270 -3.46 1.61 6.44
N ALA A 271 -3.42 0.33 6.03
CA ALA A 271 -4.65 -0.43 5.89
C ALA A 271 -5.28 -0.79 7.23
N LEU A 272 -4.51 -0.71 8.32
CA LEU A 272 -4.99 -1.08 9.64
C LEU A 272 -5.22 0.11 10.55
N ARG A 273 -4.24 1.03 10.63
CA ARG A 273 -4.39 2.16 11.54
C ARG A 273 -5.33 3.22 11.00
N THR A 274 -5.66 3.18 9.71
CA THR A 274 -6.66 4.14 9.20
C THR A 274 -8.05 3.83 9.74
N PRO A 275 -8.58 2.60 9.65
CA PRO A 275 -9.84 2.32 10.36
C PRO A 275 -9.71 2.39 11.86
N GLN A 276 -8.50 2.27 12.40
CA GLN A 276 -8.30 2.45 13.84
C GLN A 276 -8.53 3.91 14.24
N LEU A 277 -7.95 4.85 13.48
CA LEU A 277 -8.11 6.26 13.80
C LEU A 277 -9.57 6.69 13.69
N LEU A 278 -10.26 6.23 12.65
CA LEU A 278 -11.67 6.54 12.50
C LEU A 278 -12.50 5.90 13.62
N TRP A 279 -12.16 4.66 13.99
CA TRP A 279 -12.84 4.02 15.11
C TRP A 279 -12.61 4.80 16.40
N ALA A 280 -11.38 5.26 16.62
CA ALA A 280 -11.09 6.05 17.82
C ALA A 280 -11.73 7.42 17.77
N SER A 281 -12.10 7.89 16.58
CA SER A 281 -12.73 9.20 16.42
C SER A 281 -14.25 9.14 16.52
N GLY A 282 -14.82 7.97 16.80
CA GLY A 282 -16.25 7.80 16.80
C GLY A 282 -16.86 7.63 15.42
N ILE A 283 -16.04 7.52 14.38
CA ILE A 283 -16.53 7.34 13.01
C ILE A 283 -16.55 5.83 12.78
N ARG A 284 -17.67 5.19 13.11
CA ARG A 284 -17.80 3.75 13.09
C ARG A 284 -18.96 3.31 12.19
N PRO A 285 -18.79 3.39 10.87
CA PRO A 285 -19.78 2.78 9.98
C PRO A 285 -19.67 1.26 10.02
N ASP A 286 -20.68 0.61 9.45
CA ASP A 286 -20.73 -0.85 9.50
C ASP A 286 -19.61 -1.47 8.67
N ALA A 287 -19.33 -0.92 7.50
CA ALA A 287 -18.30 -1.45 6.62
C ALA A 287 -16.89 -1.06 7.03
N LEU A 288 -16.72 -0.33 8.13
CA LEU A 288 -15.39 0.09 8.56
C LEU A 288 -14.57 -1.13 8.97
N GLY A 289 -13.46 -1.36 8.24
CA GLY A 289 -12.59 -2.48 8.51
C GLY A 289 -13.03 -3.80 7.93
N ARG A 290 -14.31 -3.95 7.60
CA ARG A 290 -14.79 -5.21 7.04
C ARG A 290 -14.31 -5.37 5.61
N TYR A 291 -14.54 -6.57 5.07
CA TYR A 291 -14.10 -6.95 3.73
C TYR A 291 -12.58 -6.85 3.60
N LEU A 292 -11.87 -7.01 4.72
CA LEU A 292 -10.42 -7.03 4.67
C LEU A 292 -9.94 -8.24 3.87
N ASN A 293 -8.99 -8.02 2.99
CA ASN A 293 -8.47 -9.08 2.13
C ASN A 293 -6.98 -8.92 1.96
N ASP A 294 -6.24 -9.98 2.30
CA ASP A 294 -4.81 -10.07 2.06
C ASP A 294 -4.57 -10.84 0.76
N GLN A 295 -3.44 -10.58 0.15
CA GLN A 295 -3.06 -11.27 -1.09
C GLN A 295 -2.23 -12.49 -0.73
N ALA A 296 -2.83 -13.67 -0.85
CA ALA A 296 -2.14 -14.91 -0.54
C ALA A 296 -0.95 -15.11 -1.47
N GLN A 297 0.22 -15.27 -0.89
CA GLN A 297 1.48 -15.26 -1.64
C GLN A 297 2.16 -16.62 -1.60
N VAL A 298 2.68 -17.02 -2.76
CA VAL A 298 3.44 -18.25 -2.92
C VAL A 298 4.82 -17.89 -3.44
N VAL A 299 5.85 -18.55 -2.93
CA VAL A 299 7.23 -18.30 -3.37
C VAL A 299 7.82 -19.58 -3.95
N PHE A 300 8.80 -19.41 -4.83
CA PHE A 300 9.43 -20.52 -5.53
C PHE A 300 10.68 -19.98 -6.22
N ALA A 301 11.64 -20.88 -6.47
CA ALA A 301 12.90 -20.49 -7.08
C ALA A 301 13.29 -21.48 -8.18
N SER A 302 14.06 -20.99 -9.14
CA SER A 302 14.50 -21.79 -10.27
C SER A 302 15.82 -21.25 -10.79
N ARG A 303 16.56 -22.11 -11.50
CA ARG A 303 17.87 -21.76 -12.03
C ARG A 303 17.84 -21.70 -13.55
N LEU A 304 18.67 -20.82 -14.12
CA LEU A 304 18.76 -20.66 -15.56
C LEU A 304 19.58 -21.80 -16.16
N ARG A 305 19.93 -21.67 -17.45
CA ARG A 305 20.64 -22.73 -18.17
C ARG A 305 21.79 -22.21 -19.02
N ASP A 306 22.15 -20.93 -18.91
CA ASP A 306 23.26 -20.37 -19.66
C ASP A 306 24.51 -20.28 -18.79
N VAL A 307 25.67 -20.28 -19.44
CA VAL A 307 26.95 -20.34 -18.75
C VAL A 307 27.67 -19.00 -18.89
N GLN A 308 28.55 -18.73 -17.94
CA GLN A 308 29.39 -17.54 -17.97
C GLN A 308 30.62 -17.73 -17.09
N GLY A 325 16.47 -7.60 -13.54
CA GLY A 325 15.16 -7.02 -13.77
C GLY A 325 14.03 -7.82 -13.15
N VAL A 326 12.83 -7.27 -13.20
CA VAL A 326 11.65 -7.90 -12.62
C VAL A 326 10.65 -8.17 -13.74
N ALA A 327 10.24 -9.42 -13.87
CA ALA A 327 9.26 -9.82 -14.88
C ALA A 327 7.86 -9.81 -14.28
N TRP A 328 6.86 -9.77 -15.17
CA TRP A 328 5.46 -9.61 -14.76
C TRP A 328 4.62 -10.66 -15.48
N VAL A 329 4.03 -11.55 -14.70
CA VAL A 329 3.05 -12.51 -15.20
C VAL A 329 1.67 -11.99 -14.83
N PRO A 330 0.98 -11.29 -15.72
CA PRO A 330 -0.21 -10.53 -15.31
C PRO A 330 -1.37 -11.41 -14.86
N TYR A 331 -2.22 -10.81 -14.02
CA TYR A 331 -3.43 -11.44 -13.55
C TYR A 331 -4.43 -11.61 -14.69
N THR A 332 -5.22 -12.67 -14.62
CA THR A 332 -6.41 -12.84 -15.43
C THR A 332 -7.55 -13.31 -14.55
N ASP A 333 -8.77 -13.20 -15.06
CA ASP A 333 -9.92 -13.63 -14.27
C ASP A 333 -9.95 -15.14 -14.08
N GLU A 334 -9.60 -15.89 -15.13
CA GLU A 334 -9.59 -17.35 -15.02
C GLU A 334 -8.34 -17.87 -14.31
N ALA A 335 -7.28 -17.07 -14.23
CA ALA A 335 -6.10 -17.39 -13.44
C ALA A 335 -5.84 -16.22 -12.50
N PRO A 336 -6.57 -16.16 -11.38
CA PRO A 336 -6.45 -15.00 -10.49
C PRO A 336 -5.16 -14.99 -9.67
N PHE A 337 -4.01 -14.93 -10.35
CA PHE A 337 -2.72 -14.85 -9.69
C PHE A 337 -1.91 -13.73 -10.31
N HIS A 338 -1.13 -13.06 -9.48
CA HIS A 338 -0.19 -12.03 -9.92
C HIS A 338 1.23 -12.54 -9.65
N GLY A 339 2.00 -12.71 -10.72
CA GLY A 339 3.35 -13.22 -10.63
C GLY A 339 4.38 -12.13 -10.87
N GLN A 340 5.45 -12.15 -10.08
CA GLN A 340 6.62 -11.32 -10.34
C GLN A 340 7.87 -12.17 -10.14
N ILE A 341 8.71 -12.19 -11.17
CA ILE A 341 9.95 -12.96 -11.16
C ILE A 341 11.10 -11.96 -11.20
N MET A 342 12.12 -12.20 -10.37
CA MET A 342 13.26 -11.30 -10.31
C MET A 342 14.50 -12.09 -9.91
N GLN A 343 15.66 -11.46 -10.08
CA GLN A 343 16.93 -12.10 -9.80
C GLN A 343 17.22 -12.06 -8.31
N LEU A 344 17.75 -13.16 -7.79
CA LEU A 344 18.18 -13.26 -6.40
C LEU A 344 19.69 -13.16 -6.33
N ASP A 345 20.19 -12.47 -5.30
CA ASP A 345 21.63 -12.30 -5.14
C ASP A 345 22.33 -13.64 -4.92
N ALA A 346 21.68 -14.57 -4.24
CA ALA A 346 22.23 -15.90 -4.04
C ALA A 346 21.08 -16.91 -4.02
N SER A 347 21.44 -18.18 -4.00
CA SER A 347 20.42 -19.23 -3.95
C SER A 347 19.85 -19.31 -2.54
N PRO A 348 18.52 -19.38 -2.39
CA PRO A 348 17.94 -19.47 -1.04
C PRO A 348 18.31 -20.77 -0.32
N VAL A 349 18.35 -21.89 -1.02
CA VAL A 349 18.67 -23.18 -0.42
C VAL A 349 20.12 -23.52 -0.77
N PRO A 350 20.81 -24.36 0.03
CA PRO A 350 22.17 -24.77 -0.28
C PRO A 350 22.30 -25.51 -1.61
N GLY A 360 23.38 -13.86 -10.85
CA GLY A 360 22.04 -13.55 -11.30
C GLY A 360 21.36 -14.67 -12.05
N SER A 361 22.03 -15.84 -12.09
CA SER A 361 21.47 -16.99 -12.77
C SER A 361 20.26 -17.59 -12.05
N ILE A 362 20.03 -17.21 -10.80
CA ILE A 362 18.97 -17.78 -9.98
C ILE A 362 17.85 -16.75 -9.86
N VAL A 363 16.61 -17.21 -10.08
CA VAL A 363 15.46 -16.32 -10.09
C VAL A 363 14.51 -16.73 -8.96
N GLY A 364 13.80 -15.74 -8.41
CA GLY A 364 12.81 -15.95 -7.39
C GLY A 364 11.42 -15.67 -7.93
N LEU A 365 10.53 -16.65 -7.78
CA LEU A 365 9.17 -16.55 -8.28
C LEU A 365 8.21 -16.26 -7.14
N GLY A 366 7.28 -15.34 -7.37
CA GLY A 366 6.27 -15.00 -6.40
C GLY A 366 4.90 -14.79 -7.02
N LEU A 367 3.93 -15.61 -6.62
CA LEU A 367 2.56 -15.50 -7.11
C LEU A 367 1.66 -14.99 -5.99
N PHE A 368 0.84 -14.00 -6.31
CA PHE A 368 -0.08 -13.40 -5.35
C PHE A 368 -1.52 -13.67 -5.80
N CYS A 369 -2.32 -14.23 -4.90
CA CYS A 369 -3.69 -14.61 -5.21
C CYS A 369 -4.65 -13.48 -4.89
N ALA A 370 -5.77 -13.46 -5.58
CA ALA A 370 -6.87 -12.57 -5.27
C ALA A 370 -7.80 -13.25 -4.26
N LYS A 371 -8.25 -12.49 -3.27
CA LYS A 371 -9.01 -13.04 -2.17
C LYS A 371 -10.50 -13.13 -2.49
N ASP A 372 -11.13 -14.20 -2.03
CA ASP A 372 -12.59 -14.31 -2.05
C ASP A 372 -13.13 -13.42 -0.94
N LEU A 373 -13.67 -12.26 -1.32
CA LEU A 373 -14.09 -11.25 -0.35
C LEU A 373 -15.19 -11.78 0.54
N GLN A 374 -15.03 -11.58 1.85
CA GLN A 374 -16.01 -11.97 2.85
C GLN A 374 -16.23 -10.80 3.80
N ARG A 375 -17.49 -10.52 4.11
CA ARG A 375 -17.78 -9.43 5.04
C ARG A 375 -17.34 -9.78 6.46
N GLU A 376 -17.45 -11.05 6.86
CA GLU A 376 -16.96 -11.45 8.18
C GLU A 376 -15.46 -11.33 8.32
N ASP A 377 -14.75 -10.89 7.28
CA ASP A 377 -13.33 -10.58 7.37
C ASP A 377 -13.20 -9.13 7.86
N ARG A 378 -13.61 -8.93 9.11
CA ARG A 378 -13.69 -7.61 9.73
C ARG A 378 -12.43 -7.31 10.52
N VAL A 379 -12.03 -6.05 10.53
CA VAL A 379 -11.04 -5.52 11.47
C VAL A 379 -11.80 -5.01 12.68
N ALA A 380 -11.53 -5.58 13.85
CA ALA A 380 -12.24 -5.25 15.07
C ALA A 380 -11.30 -4.50 16.00
N PHE A 381 -11.84 -3.49 16.66
CA PHE A 381 -11.09 -2.69 17.61
C PHE A 381 -11.73 -2.79 18.98
N ASP A 382 -10.89 -2.81 20.00
CA ASP A 382 -11.33 -2.88 21.39
C ASP A 382 -10.98 -1.55 22.05
N ASP A 383 -12.01 -0.84 22.53
CA ASP A 383 -11.78 0.46 23.15
C ASP A 383 -11.11 0.31 24.52
N ASP A 384 -11.33 -0.82 25.19
CA ASP A 384 -10.75 -1.01 26.53
C ASP A 384 -9.25 -1.26 26.44
N THR A 385 -8.81 -2.05 25.47
CA THR A 385 -7.40 -2.38 25.33
C THR A 385 -6.75 -1.40 24.35
N ARG A 386 -5.64 -0.80 24.76
CA ARG A 386 -4.89 0.12 23.93
C ARG A 386 -3.61 -0.54 23.43
N ASP A 387 -3.16 -0.12 22.26
CA ASP A 387 -1.90 -0.61 21.71
C ASP A 387 -0.73 0.17 22.31
N SER A 388 0.43 0.10 21.66
CA SER A 388 1.60 0.82 22.15
C SER A 388 1.53 2.32 21.89
N TYR A 389 0.57 2.77 21.09
CA TYR A 389 0.40 4.20 20.81
C TYR A 389 -0.77 4.82 21.54
N GLY A 390 -1.46 4.05 22.40
CA GLY A 390 -2.62 4.57 23.09
C GLY A 390 -3.91 4.55 22.30
N LEU A 391 -3.93 3.86 21.16
CA LEU A 391 -5.10 3.71 20.31
C LEU A 391 -5.75 2.36 20.55
N PRO A 392 -7.02 2.19 20.17
CA PRO A 392 -7.70 0.91 20.38
C PRO A 392 -6.93 -0.26 19.77
N ALA A 393 -6.86 -1.35 20.52
CA ALA A 393 -6.12 -2.53 20.07
C ALA A 393 -6.89 -3.26 18.96
N MET A 394 -6.13 -3.83 18.03
CA MET A 394 -6.68 -4.44 16.83
C MET A 394 -6.96 -5.91 17.02
N ARG A 395 -8.13 -6.35 16.55
CA ARG A 395 -8.49 -7.75 16.45
C ARG A 395 -8.67 -8.08 14.98
N ILE A 396 -7.81 -8.95 14.44
CA ILE A 396 -7.84 -9.31 13.03
C ILE A 396 -8.63 -10.61 12.88
N HIS A 397 -9.73 -10.54 12.11
CA HIS A 397 -10.55 -11.71 11.80
C HIS A 397 -10.36 -12.03 10.33
N TYR A 398 -9.54 -13.04 10.05
CA TYR A 398 -9.21 -13.42 8.68
C TYR A 398 -9.28 -14.93 8.58
N ARG A 399 -10.06 -15.44 7.64
CA ARG A 399 -10.20 -16.87 7.44
C ARG A 399 -10.32 -17.15 5.95
N LEU A 400 -9.48 -18.05 5.44
CA LEU A 400 -9.53 -18.42 4.04
C LEU A 400 -10.69 -19.38 3.81
N THR A 401 -11.58 -19.01 2.88
CA THR A 401 -12.69 -19.88 2.53
C THR A 401 -12.19 -21.05 1.69
N GLU A 402 -13.11 -21.93 1.29
CA GLU A 402 -12.73 -23.03 0.41
C GLU A 402 -12.28 -22.51 -0.95
N ARG A 403 -12.92 -21.44 -1.44
CA ARG A 403 -12.49 -20.84 -2.69
C ARG A 403 -11.07 -20.31 -2.60
N ASP A 404 -10.68 -19.83 -1.41
CA ASP A 404 -9.32 -19.33 -1.21
C ASP A 404 -8.30 -20.46 -1.34
N HIS A 405 -8.58 -21.60 -0.70
CA HIS A 405 -7.67 -22.74 -0.80
C HIS A 405 -7.67 -23.33 -2.20
N VAL A 406 -8.78 -23.21 -2.93
CA VAL A 406 -8.82 -23.68 -4.32
C VAL A 406 -7.90 -22.83 -5.18
N VAL A 407 -7.94 -21.51 -5.00
CA VAL A 407 -7.08 -20.62 -5.78
C VAL A 407 -5.63 -20.75 -5.30
N LEU A 408 -5.43 -20.92 -3.99
CA LEU A 408 -4.07 -21.06 -3.47
C LEU A 408 -3.40 -22.32 -3.99
N ASP A 409 -4.16 -23.42 -4.08
CA ASP A 409 -3.63 -24.64 -4.66
C ASP A 409 -3.23 -24.42 -6.13
N ARG A 410 -4.08 -23.71 -6.87
CA ARG A 410 -3.76 -23.42 -8.27
C ARG A 410 -2.53 -22.53 -8.39
N ALA A 411 -2.30 -21.64 -7.42
CA ALA A 411 -1.11 -20.79 -7.47
C ALA A 411 0.16 -21.61 -7.28
N ARG A 412 0.11 -22.61 -6.40
CA ARG A 412 1.29 -23.46 -6.21
C ARG A 412 1.58 -24.28 -7.46
N GLN A 413 0.54 -24.75 -8.15
CA GLN A 413 0.74 -25.52 -9.37
C GLN A 413 1.23 -24.62 -10.51
N GLU A 414 0.75 -23.39 -10.57
CA GLU A 414 1.12 -22.48 -11.64
C GLU A 414 2.53 -21.93 -11.45
N ILE A 415 2.93 -21.67 -10.20
CA ILE A 415 4.28 -21.17 -9.97
C ILE A 415 5.31 -22.27 -10.23
N VAL A 416 4.94 -23.53 -10.04
CA VAL A 416 5.81 -24.64 -10.42
C VAL A 416 5.88 -24.74 -11.94
N ARG A 417 4.74 -24.58 -12.60
CA ARG A 417 4.72 -24.51 -14.06
C ARG A 417 5.60 -23.37 -14.55
N LEU A 418 5.53 -22.20 -13.90
CA LEU A 418 6.37 -21.09 -14.27
C LEU A 418 7.83 -21.35 -13.95
N GLY A 419 8.11 -22.08 -12.87
CA GLY A 419 9.48 -22.40 -12.52
C GLY A 419 10.13 -23.38 -13.48
N LYS A 420 9.34 -24.25 -14.09
CA LYS A 420 9.89 -25.16 -15.10
C LYS A 420 10.14 -24.45 -16.42
N ALA A 421 9.43 -23.36 -16.70
CA ALA A 421 9.66 -22.60 -17.92
C ALA A 421 10.96 -21.83 -17.87
N VAL A 422 11.35 -21.34 -16.69
CA VAL A 422 12.59 -20.58 -16.56
C VAL A 422 13.80 -21.49 -16.64
N GLY A 423 13.70 -22.68 -16.06
CA GLY A 423 14.80 -23.64 -16.06
C GLY A 423 14.60 -24.74 -15.04
N GLU A 424 15.68 -25.17 -14.41
CA GLU A 424 15.61 -26.23 -13.41
C GLU A 424 15.16 -25.65 -12.07
N PRO A 425 14.06 -26.12 -11.50
CA PRO A 425 13.58 -25.56 -10.23
C PRO A 425 14.57 -25.78 -9.10
N LEU A 426 15.00 -24.69 -8.48
CA LEU A 426 15.95 -24.79 -7.37
C LEU A 426 15.29 -25.44 -6.16
N ASP A 427 14.09 -25.00 -5.81
CA ASP A 427 13.33 -25.62 -4.74
C ASP A 427 12.67 -26.89 -5.26
N GLU A 428 12.02 -27.62 -4.36
CA GLU A 428 11.26 -28.81 -4.71
C GLU A 428 9.76 -28.62 -4.59
N ARG A 429 9.31 -27.89 -3.58
CA ARG A 429 7.89 -27.62 -3.37
C ARG A 429 7.67 -26.14 -3.10
N PRO A 430 6.68 -25.53 -3.73
CA PRO A 430 6.42 -24.11 -3.51
C PRO A 430 5.90 -23.85 -2.10
N PHE A 431 6.46 -22.82 -1.47
CA PHE A 431 6.14 -22.47 -0.09
C PHE A 431 5.08 -21.37 -0.05
N VAL A 432 4.08 -21.55 0.80
CA VAL A 432 3.04 -20.55 1.01
C VAL A 432 3.41 -19.71 2.22
N LEU A 433 3.41 -18.40 2.06
CA LEU A 433 3.75 -17.51 3.16
C LEU A 433 2.55 -17.31 4.08
N PRO A 434 2.78 -17.01 5.36
CA PRO A 434 1.67 -16.80 6.27
C PRO A 434 0.83 -15.62 5.85
N PRO A 435 -0.45 -15.60 6.21
CA PRO A 435 -1.31 -14.47 5.79
C PRO A 435 -0.80 -13.15 6.35
N GLY A 436 -0.73 -12.15 5.48
CA GLY A 436 -0.19 -10.86 5.83
C GLY A 436 1.24 -10.64 5.41
N ALA A 437 1.90 -11.65 4.84
CA ALA A 437 3.27 -11.50 4.39
C ALA A 437 3.39 -10.64 3.15
N SER A 438 2.32 -10.53 2.36
CA SER A 438 2.37 -9.72 1.15
C SER A 438 2.33 -8.23 1.46
N LEU A 439 1.91 -7.85 2.67
CA LEU A 439 1.80 -6.45 3.06
C LEU A 439 0.82 -5.68 2.17
N HIS A 440 -0.13 -6.40 1.56
CA HIS A 440 -1.10 -5.85 0.63
C HIS A 440 -2.50 -6.09 1.19
N TYR A 441 -2.91 -5.24 2.13
CA TYR A 441 -4.19 -5.36 2.80
C TYR A 441 -5.16 -4.33 2.22
N GLN A 442 -6.31 -4.79 1.75
CA GLN A 442 -7.27 -3.92 1.08
C GLN A 442 -8.64 -4.03 1.75
N GLY A 443 -9.57 -3.18 1.30
CA GLY A 443 -10.96 -3.26 1.67
C GLY A 443 -11.32 -2.69 3.03
N THR A 444 -10.33 -2.38 3.88
CA THR A 444 -10.63 -1.94 5.24
C THR A 444 -11.37 -0.60 5.26
N THR A 445 -11.13 0.25 4.26
CA THR A 445 -11.86 1.50 4.09
C THR A 445 -12.31 1.64 2.64
N ARG A 446 -12.96 0.59 2.12
CA ARG A 446 -13.14 0.46 0.68
C ARG A 446 -14.17 1.46 0.16
N MET A 447 -14.02 1.82 -1.12
CA MET A 447 -14.93 2.72 -1.79
C MET A 447 -16.06 1.95 -2.44
N GLY A 448 -17.19 2.63 -2.63
CA GLY A 448 -18.33 2.07 -3.30
C GLY A 448 -19.13 3.18 -3.94
N GLU A 449 -20.08 2.79 -4.79
CA GLU A 449 -20.90 3.79 -5.47
C GLU A 449 -21.89 4.44 -4.52
N THR A 450 -22.51 3.66 -3.65
CA THR A 450 -23.51 4.16 -2.71
C THR A 450 -23.10 3.79 -1.28
N ASP A 451 -23.87 4.30 -0.33
CA ASP A 451 -23.66 4.01 1.09
C ASP A 451 -24.61 2.91 1.56
N ASP A 452 -24.52 1.75 0.90
CA ASP A 452 -25.37 0.61 1.18
C ASP A 452 -24.91 -0.18 2.41
N GLY A 453 -23.92 0.30 3.15
CA GLY A 453 -23.38 -0.41 4.28
C GLY A 453 -22.26 -1.38 3.96
N GLU A 454 -21.84 -1.45 2.69
CA GLU A 454 -20.73 -2.31 2.29
C GLU A 454 -19.46 -1.54 1.97
N SER A 455 -19.52 -0.21 1.87
CA SER A 455 -18.36 0.62 1.58
C SER A 455 -18.25 1.71 2.63
N VAL A 456 -17.02 2.22 2.79
CA VAL A 456 -16.73 3.26 3.76
C VAL A 456 -16.64 4.64 3.14
N CYS A 457 -16.18 4.75 1.89
CA CYS A 457 -16.01 6.05 1.26
C CYS A 457 -16.65 6.07 -0.14
N SER A 458 -16.66 7.26 -0.73
CA SER A 458 -17.21 7.45 -2.06
C SER A 458 -16.17 7.05 -3.12
N PRO A 459 -16.57 7.05 -4.40
CA PRO A 459 -15.54 6.90 -5.46
C PRO A 459 -14.45 7.94 -5.39
N ASP A 460 -14.73 9.11 -4.82
CA ASP A 460 -13.73 10.13 -4.56
C ASP A 460 -13.00 9.91 -3.24
N SER A 461 -13.12 8.70 -2.67
CA SER A 461 -12.47 8.35 -1.41
C SER A 461 -12.93 9.24 -0.26
N GLN A 462 -14.12 9.79 -0.35
CA GLN A 462 -14.67 10.63 0.72
C GLN A 462 -15.62 9.80 1.57
N VAL A 463 -15.37 9.80 2.89
CA VAL A 463 -16.19 9.01 3.80
C VAL A 463 -17.63 9.49 3.74
N TRP A 464 -18.57 8.53 3.67
CA TRP A 464 -19.98 8.88 3.56
C TRP A 464 -20.44 9.70 4.76
N GLN A 465 -20.21 9.19 5.97
CA GLN A 465 -20.79 9.80 7.16
C GLN A 465 -20.12 11.11 7.54
N VAL A 466 -18.86 11.32 7.14
CA VAL A 466 -18.13 12.51 7.54
C VAL A 466 -17.69 13.29 6.30
N PRO A 467 -18.47 14.28 5.85
CA PRO A 467 -18.03 15.11 4.73
C PRO A 467 -16.72 15.82 5.06
N GLY A 468 -15.86 15.95 4.05
CA GLY A 468 -14.55 16.53 4.23
C GLY A 468 -13.50 15.58 4.75
N LEU A 469 -13.88 14.37 5.13
CA LEU A 469 -12.94 13.36 5.60
C LEU A 469 -12.66 12.37 4.48
N PHE A 470 -11.40 12.23 4.11
CA PHE A 470 -10.98 11.32 3.05
C PHE A 470 -10.04 10.27 3.64
N VAL A 471 -10.08 9.08 3.06
CA VAL A 471 -9.23 7.97 3.47
C VAL A 471 -8.39 7.56 2.27
N ALA A 472 -7.14 7.22 2.53
CA ALA A 472 -6.20 6.83 1.48
C ALA A 472 -5.50 5.53 1.85
N GLY A 473 -5.07 4.79 0.83
CA GLY A 473 -4.28 3.61 1.03
C GLY A 473 -4.86 2.42 0.28
N ASN A 474 -4.28 1.25 0.54
CA ASN A 474 -4.75 0.03 -0.09
C ASN A 474 -6.13 -0.37 0.42
N GLY A 475 -6.48 0.03 1.64
CA GLY A 475 -7.78 -0.29 2.18
C GLY A 475 -8.92 0.31 1.41
N VAL A 476 -8.65 1.32 0.57
CA VAL A 476 -9.70 1.93 -0.22
C VAL A 476 -10.11 1.03 -1.39
N ILE A 477 -9.22 0.17 -1.85
CA ILE A 477 -9.50 -0.71 -2.99
C ILE A 477 -10.57 -1.70 -2.59
N PRO A 478 -11.72 -1.72 -3.28
CA PRO A 478 -12.82 -2.60 -2.86
C PRO A 478 -12.84 -3.93 -3.60
N THR A 479 -12.23 -3.98 -4.77
CA THR A 479 -12.29 -5.16 -5.62
C THR A 479 -11.31 -6.23 -5.13
N ALA A 480 -11.47 -7.44 -5.67
CA ALA A 480 -10.61 -8.58 -5.33
C ALA A 480 -9.40 -8.51 -6.24
N THR A 481 -8.33 -7.90 -5.75
CA THR A 481 -7.13 -7.69 -6.53
C THR A 481 -6.03 -8.65 -6.11
N ALA A 482 -5.11 -8.90 -7.04
CA ALA A 482 -3.96 -9.75 -6.80
C ALA A 482 -2.63 -9.05 -7.08
N CYS A 483 -2.63 -8.00 -7.89
CA CYS A 483 -1.40 -7.28 -8.21
C CYS A 483 -1.00 -6.36 -7.06
N ASN A 484 0.21 -5.83 -7.16
CA ASN A 484 0.70 -4.91 -6.13
C ASN A 484 -0.18 -3.67 -6.10
N PRO A 485 -0.73 -3.30 -4.93
CA PRO A 485 -1.83 -2.32 -4.90
C PRO A 485 -1.40 -0.87 -4.84
N THR A 486 -0.13 -0.61 -4.48
CA THR A 486 0.29 0.77 -4.17
C THR A 486 0.02 1.70 -5.34
N LEU A 487 0.27 1.26 -6.57
CA LEU A 487 0.03 2.12 -7.73
C LEU A 487 -1.45 2.48 -7.85
N THR A 488 -2.33 1.48 -7.74
CA THR A 488 -3.77 1.75 -7.79
C THR A 488 -4.20 2.63 -6.64
N SER A 489 -3.68 2.37 -5.44
CA SER A 489 -4.04 3.18 -4.27
C SER A 489 -3.61 4.63 -4.47
N VAL A 490 -2.47 4.86 -5.13
CA VAL A 490 -2.04 6.22 -5.43
C VAL A 490 -2.97 6.84 -6.47
N ALA A 491 -3.43 6.04 -7.44
CA ALA A 491 -4.37 6.54 -8.43
C ALA A 491 -5.68 6.97 -7.79
N LEU A 492 -6.16 6.18 -6.82
CA LEU A 492 -7.36 6.58 -6.08
C LEU A 492 -7.11 7.84 -5.25
N ALA A 493 -5.87 8.02 -4.80
CA ALA A 493 -5.54 9.22 -4.03
C ALA A 493 -5.53 10.46 -4.90
N VAL A 494 -5.13 10.33 -6.17
CA VAL A 494 -5.15 11.48 -7.07
C VAL A 494 -6.57 11.96 -7.32
N ARG A 495 -7.51 11.01 -7.47
CA ARG A 495 -8.91 11.40 -7.65
C ARG A 495 -9.46 12.08 -6.40
N GLY A 496 -9.11 11.55 -5.22
CA GLY A 496 -9.58 12.16 -3.99
C GLY A 496 -8.95 13.52 -3.73
N ALA A 497 -7.66 13.66 -4.04
CA ALA A 497 -7.00 14.95 -3.88
C ALA A 497 -7.52 15.97 -4.87
N ARG A 498 -7.87 15.53 -6.08
CA ARG A 498 -8.46 16.44 -7.06
C ARG A 498 -9.90 16.80 -6.68
N LYS A 499 -10.58 15.93 -5.94
CA LYS A 499 -11.89 16.29 -5.41
C LYS A 499 -11.77 17.40 -4.36
N ILE A 500 -10.70 17.36 -3.56
CA ILE A 500 -10.46 18.42 -2.58
C ILE A 500 -9.95 19.67 -3.29
N ALA A 501 -8.99 19.52 -4.19
CA ALA A 501 -8.39 20.68 -4.85
C ALA A 501 -9.40 21.44 -5.68
N GLU A 502 -10.41 20.76 -6.22
CA GLU A 502 -11.45 21.46 -6.97
C GLU A 502 -12.44 22.13 -6.02
N GLU A 503 -12.72 21.50 -4.88
CA GLU A 503 -13.64 22.10 -3.92
C GLU A 503 -13.03 23.30 -3.21
N ILE A 504 -11.70 23.32 -3.06
CA ILE A 504 -11.04 24.46 -2.45
C ILE A 504 -10.96 25.62 -3.42
N THR A 505 -10.50 25.35 -4.65
CA THR A 505 -10.34 26.41 -5.64
C THR A 505 -11.69 26.99 -6.07
N SER A 506 -12.76 26.21 -5.96
CA SER A 506 -14.08 26.68 -6.35
C SER A 506 -14.88 27.27 -5.20
N SER A 507 -14.44 27.07 -3.96
CA SER A 507 -15.19 27.57 -2.82
C SER A 507 -15.06 29.09 -2.72
N LEU A 508 -16.02 29.69 -2.02
CA LEU A 508 -15.98 31.11 -1.70
C LEU A 508 -15.37 31.39 -0.34
N LEU A 509 -15.17 30.35 0.49
CA LEU A 509 -14.63 30.53 1.83
C LEU A 509 -13.11 30.49 1.81
#